data_1RIU
#
_entry.id   1RIU
#
_cell.length_a   75.700
_cell.length_b   75.700
_cell.length_c   153.21
_cell.angle_alpha   90
_cell.angle_beta   90
_cell.angle_gamma   120
#
_symmetry.space_group_name_H-M   'P 31 2 1'
#
loop_
_entity.id
_entity.type
_entity.pdbx_description
1 polymer 'Fab M82G2, Light Chain'
2 polymer 'Fab M82G2, Heavy Chain'
3 non-polymer '3-(BENZOYLOXY)-8-AZA-BICYCLO[3.2.1]OCTANE-2-CARBOXYLIC ACID'
4 water water
#
loop_
_entity_poly.entity_id
_entity_poly.type
_entity_poly.pdbx_seq_one_letter_code
_entity_poly.pdbx_strand_id
1 'polypeptide(L)'
;DIVMTQAAPSVPVTPGESVSISCRSSKSLLHSNGYTYLHWFLQRPGQSPQLLIYRVSNLASGVPDRFSGSGSGTAFTLRF
SRVEAEDVGVYYCMQHLEYPFTFGSGTKLEIKRADAAPTVSIFPPSSEQLTSGGASVVCFLNNFYPQDITVSWKIDGAER
SSGVLNSWTDQDSSDSTYSMSSTLTLTKDEYERHSSYTCEATHKTSTSPITKSFNRGE
;
L
2 'polypeptide(L)'
;EVTLQESGGGLVQPGGSMKLSCAASGFTFSDAWVDWVRQSPGKGLEWVAEIRNKANNHATKYTESVKGRFTISRDDSKSS
VYLQMNSLRAEDTGIYYCTSVPQLGRGFAYWGQGTLVTVSAASTTPPSVYPLAPGSGGASTSGSMVTLGCLVKGYFPEPV
TVTWNSGALSSGVHTFPAVLQSDLYTLSSSVTVPSSTWPSQTVTCNVAHPASSTQVDKKIVPK
;
H
#
loop_
_chem_comp.id
_chem_comp.type
_chem_comp.name
_chem_comp.formula
RBE non-polymer '3-(BENZOYLOXY)-8-AZA-BICYCLO[3.2.1]OCTANE-2-CARBOXYLIC ACID' 'C15 H17 N O4'
#
# COMPACT_ATOMS: atom_id res chain seq x y z
N ASP A 1 -1.44 21.83 -19.42
CA ASP A 1 -0.91 20.54 -18.91
C ASP A 1 -1.08 19.45 -19.95
N ILE A 2 -0.09 18.57 -20.07
CA ILE A 2 -0.20 17.46 -21.01
C ILE A 2 -0.97 16.35 -20.30
N VAL A 3 -2.02 15.85 -20.94
CA VAL A 3 -2.84 14.80 -20.34
C VAL A 3 -2.38 13.41 -20.78
N MET A 4 -2.11 12.56 -19.80
CA MET A 4 -1.67 11.20 -20.09
C MET A 4 -2.84 10.27 -19.83
N THR A 5 -3.19 9.46 -20.82
CA THR A 5 -4.32 8.55 -20.70
C THR A 5 -3.96 7.07 -20.82
N GLN A 6 -4.37 6.30 -19.82
CA GLN A 6 -4.18 4.85 -19.83
C GLN A 6 -5.61 4.36 -19.61
N ALA A 7 -6.34 4.20 -20.72
CA ALA A 7 -7.74 3.80 -20.70
C ALA A 7 -8.08 2.61 -19.81
N ALA A 8 -7.37 1.50 -19.97
CA ALA A 8 -7.65 0.31 -19.19
C ALA A 8 -7.25 0.43 -17.71
N PRO A 9 -8.22 0.26 -16.81
CA PRO A 9 -7.90 0.35 -15.37
C PRO A 9 -7.10 -0.90 -14.97
N SER A 10 -7.37 -2.02 -15.65
CA SER A 10 -6.67 -3.27 -15.37
C SER A 10 -6.68 -4.18 -16.59
N VAL A 11 -5.81 -5.18 -16.59
CA VAL A 11 -5.72 -6.12 -17.69
C VAL A 11 -5.43 -7.51 -17.12
N PRO A 12 -6.32 -8.49 -17.37
CA PRO A 12 -6.14 -9.85 -16.86
C PRO A 12 -5.26 -10.64 -17.82
N VAL A 13 -4.32 -11.38 -17.29
CA VAL A 13 -3.40 -12.13 -18.13
C VAL A 13 -3.02 -13.41 -17.44
N THR A 14 -2.74 -14.44 -18.21
CA THR A 14 -2.34 -15.71 -17.63
C THR A 14 -0.83 -15.81 -17.75
N PRO A 15 -0.18 -16.31 -16.70
CA PRO A 15 1.28 -16.45 -16.72
C PRO A 15 1.73 -17.25 -17.96
N GLY A 16 2.80 -16.80 -18.61
CA GLY A 16 3.30 -17.49 -19.78
C GLY A 16 2.96 -16.83 -21.10
N GLU A 17 1.94 -15.97 -21.12
CA GLU A 17 1.61 -15.32 -22.38
C GLU A 17 2.13 -13.90 -22.46
N SER A 18 2.10 -13.33 -23.66
CA SER A 18 2.55 -11.95 -23.85
C SER A 18 1.34 -11.05 -23.76
N VAL A 19 1.55 -9.79 -23.40
CA VAL A 19 0.44 -8.87 -23.30
C VAL A 19 1.02 -7.48 -23.47
N SER A 20 0.18 -6.50 -23.78
CA SER A 20 0.65 -5.14 -23.91
C SER A 20 -0.31 -4.18 -23.19
N ILE A 21 0.24 -3.04 -22.76
CA ILE A 21 -0.49 -2.00 -22.07
C ILE A 21 -0.25 -0.73 -22.88
N SER A 22 -1.29 0.06 -23.10
CA SER A 22 -1.10 1.27 -23.88
C SER A 22 -1.25 2.55 -23.08
N CYS A 23 -0.71 3.63 -23.64
CA CYS A 23 -0.75 4.93 -23.00
C CYS A 23 -0.77 5.96 -24.13
N ARG A 24 -1.51 7.04 -23.94
CA ARG A 24 -1.58 8.08 -24.95
C ARG A 24 -1.36 9.45 -24.31
N SER A 25 -0.77 10.38 -25.06
CA SER A 25 -0.53 11.73 -24.56
C SER A 25 -1.35 12.68 -25.40
N SER A 26 -1.78 13.79 -24.81
CA SER A 26 -2.59 14.78 -25.53
C SER A 26 -1.76 15.64 -26.47
N LYS A 27 -0.45 15.46 -26.43
CA LYS A 27 0.47 16.24 -27.26
C LYS A 27 1.69 15.39 -27.59
N SER A 28 2.32 15.63 -28.73
CA SER A 28 3.53 14.88 -29.10
C SER A 28 4.60 15.07 -28.03
N LEU A 29 5.32 14.00 -27.71
CA LEU A 29 6.35 14.08 -26.67
C LEU A 29 7.74 14.14 -27.26
N LEU A 30 7.80 14.40 -28.57
CA LEU A 30 9.08 14.52 -29.27
C LEU A 30 9.69 15.88 -28.93
N HIS A 31 10.92 15.88 -28.45
CA HIS A 31 11.59 17.14 -28.08
C HIS A 31 12.39 17.65 -29.27
N SER A 32 12.77 18.93 -29.25
CA SER A 32 13.56 19.50 -30.32
C SER A 32 14.87 18.75 -30.47
N ASN A 33 15.40 18.25 -29.35
CA ASN A 33 16.67 17.54 -29.42
C ASN A 33 16.59 16.16 -30.05
N GLY A 34 15.39 15.76 -30.46
CA GLY A 34 15.25 14.47 -31.10
C GLY A 34 14.85 13.29 -30.22
N TYR A 35 14.79 13.49 -28.90
CA TYR A 35 14.41 12.42 -27.96
C TYR A 35 12.92 12.50 -27.65
N THR A 36 12.32 11.37 -27.34
CA THR A 36 10.91 11.34 -26.99
C THR A 36 10.84 11.05 -25.51
N TYR A 37 10.27 12.00 -24.78
CA TYR A 37 10.23 11.91 -23.33
C TYR A 37 9.04 11.22 -22.69
N LEU A 38 9.00 9.90 -22.83
CA LEU A 38 7.95 9.09 -22.24
C LEU A 38 8.63 7.98 -21.45
N HIS A 39 8.29 7.84 -20.18
CA HIS A 39 8.88 6.80 -19.36
C HIS A 39 7.79 5.90 -18.81
N TRP A 40 8.16 4.68 -18.42
CA TRP A 40 7.23 3.73 -17.82
C TRP A 40 7.72 3.36 -16.40
N PHE A 41 6.80 3.27 -15.45
CA PHE A 41 7.14 2.92 -14.07
C PHE A 41 6.26 1.78 -13.61
N LEU A 42 6.78 1.01 -12.66
CA LEU A 42 6.06 -0.11 -12.05
C LEU A 42 5.92 0.20 -10.57
N GLN A 43 4.74 0.02 -10.02
CA GLN A 43 4.59 0.20 -8.59
C GLN A 43 3.97 -1.07 -8.03
N ARG A 44 4.77 -1.87 -7.35
CA ARG A 44 4.29 -3.10 -6.75
C ARG A 44 3.56 -2.70 -5.47
N PRO A 45 2.59 -3.51 -5.03
CA PRO A 45 1.82 -3.23 -3.81
C PRO A 45 2.69 -2.84 -2.62
N GLY A 46 2.39 -1.71 -1.99
CA GLY A 46 3.15 -1.28 -0.82
C GLY A 46 4.57 -0.76 -1.01
N GLN A 47 5.01 -0.62 -2.26
CA GLN A 47 6.37 -0.13 -2.50
C GLN A 47 6.36 1.17 -3.30
N SER A 48 7.53 1.77 -3.42
CA SER A 48 7.67 2.99 -4.18
C SER A 48 7.75 2.61 -5.66
N PRO A 49 7.45 3.58 -6.55
CA PRO A 49 7.51 3.30 -7.99
C PRO A 49 8.95 2.97 -8.37
N GLN A 50 9.13 2.29 -9.50
CA GLN A 50 10.48 2.01 -9.99
C GLN A 50 10.45 2.16 -11.50
N LEU A 51 11.52 2.76 -12.03
CA LEU A 51 11.64 2.99 -13.46
C LEU A 51 11.85 1.67 -14.18
N LEU A 52 11.11 1.45 -15.26
CA LEU A 52 11.25 0.24 -16.06
C LEU A 52 11.91 0.60 -17.37
N ILE A 53 11.29 1.57 -18.04
CA ILE A 53 11.73 2.01 -19.35
C ILE A 53 11.78 3.52 -19.45
N TYR A 54 12.89 4.06 -19.95
CA TYR A 54 13.00 5.49 -20.15
C TYR A 54 13.09 5.80 -21.64
N ARG A 55 12.50 6.94 -22.02
CA ARG A 55 12.43 7.39 -23.39
C ARG A 55 12.00 6.32 -24.36
N VAL A 56 10.75 5.90 -24.19
CA VAL A 56 10.07 4.92 -25.01
C VAL A 56 10.55 3.47 -25.03
N SER A 57 11.84 3.26 -25.27
CA SER A 57 12.29 1.89 -25.40
C SER A 57 13.57 1.46 -24.76
N ASN A 58 14.17 2.32 -23.91
CA ASN A 58 15.42 1.95 -23.27
C ASN A 58 15.13 1.29 -21.94
N LEU A 59 15.53 0.05 -21.76
CA LEU A 59 15.31 -0.64 -20.49
C LEU A 59 16.31 -0.12 -19.46
N ALA A 60 15.84 0.18 -18.25
CA ALA A 60 16.72 0.62 -17.20
C ALA A 60 17.52 -0.58 -16.69
N SER A 61 18.61 -0.28 -15.99
CA SER A 61 19.47 -1.32 -15.45
C SER A 61 18.71 -2.17 -14.42
N GLY A 62 18.92 -3.48 -14.46
CA GLY A 62 18.25 -4.34 -13.50
C GLY A 62 16.85 -4.77 -13.91
N VAL A 63 16.29 -4.13 -14.94
CA VAL A 63 14.94 -4.49 -15.40
C VAL A 63 15.01 -5.77 -16.25
N PRO A 64 14.09 -6.72 -15.99
CA PRO A 64 14.02 -8.01 -16.72
C PRO A 64 13.90 -7.82 -18.23
N ASP A 65 14.53 -8.71 -18.98
CA ASP A 65 14.52 -8.70 -20.45
C ASP A 65 13.12 -8.83 -21.06
N ARG A 66 12.17 -9.40 -20.34
CA ARG A 66 10.83 -9.60 -20.89
C ARG A 66 10.04 -8.31 -21.16
N PHE A 67 10.57 -7.17 -20.70
CA PHE A 67 9.91 -5.89 -20.92
C PHE A 67 10.43 -5.22 -22.18
N SER A 68 9.56 -4.53 -22.90
CA SER A 68 9.99 -3.77 -24.07
C SER A 68 9.00 -2.65 -24.25
N GLY A 69 9.39 -1.59 -24.95
CA GLY A 69 8.49 -0.49 -25.16
C GLY A 69 8.61 0.00 -26.60
N SER A 70 7.53 0.56 -27.13
CA SER A 70 7.54 1.07 -28.49
C SER A 70 6.58 2.25 -28.54
N GLY A 71 6.56 2.92 -29.69
CA GLY A 71 5.64 4.04 -29.85
C GLY A 71 6.31 5.28 -30.37
N SER A 72 5.51 6.29 -30.67
CA SER A 72 6.03 7.56 -31.16
C SER A 72 4.95 8.61 -31.10
N GLY A 73 5.37 9.86 -31.02
CA GLY A 73 4.43 10.96 -30.99
C GLY A 73 3.51 10.97 -29.79
N THR A 74 2.35 10.34 -29.93
CA THR A 74 1.36 10.35 -28.88
C THR A 74 0.77 9.00 -28.47
N ALA A 75 1.32 7.90 -28.99
CA ALA A 75 0.80 6.57 -28.64
C ALA A 75 1.96 5.66 -28.28
N PHE A 76 1.90 5.06 -27.10
CA PHE A 76 2.99 4.20 -26.64
C PHE A 76 2.49 2.87 -26.11
N THR A 77 3.35 1.86 -26.16
CA THR A 77 2.95 0.55 -25.70
C THR A 77 4.08 -0.08 -24.90
N LEU A 78 3.69 -0.71 -23.79
CA LEU A 78 4.63 -1.45 -22.95
C LEU A 78 4.21 -2.90 -23.21
N ARG A 79 5.17 -3.75 -23.55
CA ARG A 79 4.88 -5.16 -23.81
C ARG A 79 5.65 -6.10 -22.92
N PHE A 80 5.01 -7.22 -22.57
CA PHE A 80 5.65 -8.26 -21.77
C PHE A 80 5.79 -9.44 -22.75
N SER A 81 6.98 -9.99 -22.94
CA SER A 81 7.13 -11.12 -23.86
C SER A 81 6.50 -12.37 -23.22
N ARG A 82 6.65 -12.50 -21.90
CA ARG A 82 6.09 -13.61 -21.12
C ARG A 82 5.77 -13.04 -19.76
N VAL A 83 4.51 -13.13 -19.32
CA VAL A 83 4.17 -12.59 -18.01
C VAL A 83 4.44 -13.61 -16.93
N GLU A 84 4.83 -13.12 -15.77
CA GLU A 84 5.11 -13.95 -14.61
C GLU A 84 4.13 -13.56 -13.49
N ALA A 85 3.83 -14.51 -12.61
CA ALA A 85 2.92 -14.25 -11.52
C ALA A 85 3.38 -13.04 -10.74
N GLU A 86 4.69 -12.94 -10.53
CA GLU A 86 5.27 -11.82 -9.77
C GLU A 86 5.16 -10.46 -10.45
N ASP A 87 4.60 -10.39 -11.65
CA ASP A 87 4.47 -9.08 -12.31
C ASP A 87 3.25 -8.28 -11.84
N VAL A 88 2.53 -8.77 -10.83
CA VAL A 88 1.37 -8.02 -10.33
C VAL A 88 1.80 -6.63 -9.87
N GLY A 89 0.99 -5.62 -10.18
CA GLY A 89 1.34 -4.28 -9.77
C GLY A 89 0.66 -3.31 -10.69
N VAL A 90 0.96 -2.02 -10.51
CA VAL A 90 0.36 -0.99 -11.34
C VAL A 90 1.42 -0.38 -12.24
N TYR A 91 1.11 -0.33 -13.53
CA TYR A 91 2.05 0.22 -14.50
C TYR A 91 1.65 1.63 -14.94
N TYR A 92 2.58 2.58 -14.78
CA TYR A 92 2.33 3.97 -15.14
C TYR A 92 3.21 4.50 -16.25
N CYS A 93 2.67 5.37 -17.10
CA CYS A 93 3.50 6.05 -18.12
C CYS A 93 3.60 7.48 -17.61
N MET A 94 4.62 8.20 -18.02
CA MET A 94 4.80 9.58 -17.57
C MET A 94 5.46 10.41 -18.66
N GLN A 95 5.01 11.65 -18.83
CA GLN A 95 5.66 12.50 -19.82
C GLN A 95 6.64 13.38 -19.06
N HIS A 96 7.84 13.51 -19.61
CA HIS A 96 8.92 14.27 -18.99
C HIS A 96 9.37 15.36 -19.99
N LEU A 97 8.41 15.89 -20.75
CA LEU A 97 8.69 16.93 -21.74
C LEU A 97 8.47 18.34 -21.21
N GLU A 98 7.30 18.60 -20.65
CA GLU A 98 6.95 19.92 -20.16
C GLU A 98 6.50 19.92 -18.71
N TYR A 99 6.66 21.05 -18.03
CA TYR A 99 6.21 21.18 -16.64
C TYR A 99 4.75 21.66 -16.67
N PRO A 100 3.89 21.13 -15.79
CA PRO A 100 4.21 20.11 -14.80
C PRO A 100 4.33 18.72 -15.43
N PHE A 101 5.21 17.89 -14.87
CA PHE A 101 5.35 16.52 -15.37
C PHE A 101 4.06 15.81 -14.96
N THR A 102 3.48 15.04 -15.87
CA THR A 102 2.23 14.35 -15.58
C THR A 102 2.29 12.85 -15.81
N PHE A 103 1.57 12.11 -14.97
CA PHE A 103 1.49 10.65 -15.02
C PHE A 103 0.12 10.19 -15.52
N GLY A 104 0.07 9.00 -16.10
CA GLY A 104 -1.19 8.43 -16.49
C GLY A 104 -1.83 7.88 -15.20
N SER A 105 -3.08 7.43 -15.26
CA SER A 105 -3.76 6.93 -14.06
C SER A 105 -3.30 5.52 -13.70
N GLY A 106 -2.53 4.90 -14.59
CA GLY A 106 -2.02 3.58 -14.30
C GLY A 106 -2.93 2.46 -14.75
N THR A 107 -2.33 1.31 -15.03
CA THR A 107 -3.05 0.12 -15.44
C THR A 107 -2.56 -0.99 -14.54
N LYS A 108 -3.48 -1.63 -13.82
CA LYS A 108 -3.10 -2.70 -12.93
C LYS A 108 -3.07 -4.02 -13.70
N LEU A 109 -2.04 -4.81 -13.50
CA LEU A 109 -1.94 -6.09 -14.18
C LEU A 109 -2.58 -7.12 -13.24
N GLU A 110 -3.55 -7.87 -13.72
CA GLU A 110 -4.17 -8.88 -12.88
C GLU A 110 -3.81 -10.26 -13.43
N ILE A 111 -3.32 -11.12 -12.55
CA ILE A 111 -2.92 -12.46 -12.96
C ILE A 111 -4.08 -13.43 -12.83
N LYS A 112 -4.40 -14.12 -13.92
CA LYS A 112 -5.49 -15.09 -13.90
C LYS A 112 -4.99 -16.45 -13.43
N ARG A 113 -5.79 -17.12 -12.61
CA ARG A 113 -5.43 -18.43 -12.11
C ARG A 113 -6.71 -19.22 -11.86
N ALA A 114 -6.56 -20.44 -11.38
CA ALA A 114 -7.71 -21.29 -11.10
C ALA A 114 -8.54 -20.77 -9.92
N ASP A 115 -9.83 -21.05 -9.93
CA ASP A 115 -10.69 -20.64 -8.84
C ASP A 115 -10.08 -21.18 -7.56
N ALA A 116 -10.31 -20.47 -6.45
CA ALA A 116 -9.80 -20.88 -5.15
C ALA A 116 -10.81 -20.40 -4.13
N ALA A 117 -11.36 -21.33 -3.35
CA ALA A 117 -12.36 -21.00 -2.33
C ALA A 117 -11.67 -20.31 -1.15
N PRO A 118 -12.36 -19.36 -0.50
CA PRO A 118 -11.69 -18.71 0.63
C PRO A 118 -11.67 -19.58 1.86
N THR A 119 -10.63 -19.44 2.67
CA THR A 119 -10.52 -20.16 3.93
C THR A 119 -11.08 -19.11 4.89
N VAL A 120 -12.20 -19.45 5.53
CA VAL A 120 -12.87 -18.52 6.43
C VAL A 120 -12.66 -18.83 7.91
N SER A 121 -12.19 -17.84 8.68
CA SER A 121 -11.96 -18.01 10.11
C SER A 121 -12.67 -16.89 10.86
N ILE A 122 -13.38 -17.25 11.91
CA ILE A 122 -14.08 -16.25 12.70
C ILE A 122 -13.47 -16.29 14.10
N PHE A 123 -13.32 -15.12 14.72
CA PHE A 123 -12.73 -15.02 16.04
C PHE A 123 -13.56 -14.26 17.05
N PRO A 124 -13.95 -14.93 18.16
CA PRO A 124 -14.74 -14.25 19.20
C PRO A 124 -13.81 -13.23 19.84
N PRO A 125 -14.37 -12.21 20.50
CA PRO A 125 -13.56 -11.18 21.15
C PRO A 125 -12.56 -11.79 22.14
N SER A 126 -11.32 -11.32 22.12
CA SER A 126 -10.35 -11.86 23.08
C SER A 126 -10.83 -11.39 24.46
N SER A 127 -10.51 -12.16 25.50
CA SER A 127 -10.94 -11.77 26.85
C SER A 127 -10.31 -10.45 27.29
N GLU A 128 -9.13 -10.14 26.74
CA GLU A 128 -8.47 -8.90 27.09
C GLU A 128 -9.27 -7.70 26.55
N GLN A 129 -9.96 -7.88 25.44
CA GLN A 129 -10.75 -6.77 24.93
C GLN A 129 -12.05 -6.61 25.73
N LEU A 130 -12.64 -7.73 26.16
CA LEU A 130 -13.88 -7.65 26.94
C LEU A 130 -13.68 -6.93 28.28
N THR A 131 -12.55 -7.16 28.94
CA THR A 131 -12.33 -6.48 30.21
C THR A 131 -12.17 -4.98 29.95
N SER A 132 -11.83 -4.60 28.71
CA SER A 132 -11.68 -3.20 28.34
C SER A 132 -13.00 -2.60 27.81
N GLY A 133 -14.09 -3.37 27.87
CA GLY A 133 -15.37 -2.87 27.41
C GLY A 133 -15.67 -2.90 25.92
N GLY A 134 -14.82 -3.57 25.15
CA GLY A 134 -15.02 -3.65 23.72
C GLY A 134 -15.22 -5.09 23.28
N ALA A 135 -15.81 -5.27 22.11
CA ALA A 135 -16.05 -6.61 21.60
C ALA A 135 -16.05 -6.63 20.08
N SER A 136 -14.87 -6.65 19.47
CA SER A 136 -14.78 -6.72 18.02
C SER A 136 -14.75 -8.19 17.65
N VAL A 137 -15.58 -8.58 16.69
CA VAL A 137 -15.62 -9.95 16.20
C VAL A 137 -14.93 -9.89 14.84
N VAL A 138 -13.88 -10.68 14.66
CA VAL A 138 -13.14 -10.63 13.41
C VAL A 138 -13.31 -11.84 12.50
N CYS A 139 -13.49 -11.56 11.22
CA CYS A 139 -13.62 -12.64 10.26
C CYS A 139 -12.60 -12.45 9.15
N PHE A 140 -11.78 -13.49 8.92
CA PHE A 140 -10.81 -13.45 7.83
C PHE A 140 -11.29 -14.34 6.69
N LEU A 141 -11.21 -13.84 5.47
CA LEU A 141 -11.57 -14.64 4.31
C LEU A 141 -10.28 -14.64 3.50
N ASN A 142 -9.49 -15.72 3.62
CA ASN A 142 -8.19 -15.75 2.97
C ASN A 142 -7.97 -16.62 1.74
N ASN A 143 -7.02 -16.16 0.94
CA ASN A 143 -6.55 -16.82 -0.27
C ASN A 143 -7.60 -17.35 -1.24
N PHE A 144 -8.43 -16.45 -1.74
CA PHE A 144 -9.47 -16.82 -2.69
C PHE A 144 -9.24 -16.20 -4.06
N TYR A 145 -9.94 -16.72 -5.06
CA TYR A 145 -9.86 -16.21 -6.42
C TYR A 145 -11.09 -16.73 -7.15
N PRO A 146 -11.77 -15.90 -7.96
CA PRO A 146 -11.55 -14.49 -8.31
C PRO A 146 -11.69 -13.50 -7.15
N GLN A 147 -11.36 -12.24 -7.42
CA GLN A 147 -11.36 -11.20 -6.39
C GLN A 147 -12.67 -10.74 -5.77
N ASP A 148 -13.78 -10.92 -6.46
CA ASP A 148 -15.01 -10.45 -5.87
C ASP A 148 -15.61 -11.39 -4.86
N ILE A 149 -15.96 -10.82 -3.71
CA ILE A 149 -16.54 -11.59 -2.63
C ILE A 149 -17.49 -10.69 -1.87
N THR A 150 -18.49 -11.28 -1.24
CA THR A 150 -19.46 -10.51 -0.48
C THR A 150 -19.57 -11.12 0.92
N VAL A 151 -19.56 -10.26 1.92
CA VAL A 151 -19.63 -10.73 3.30
C VAL A 151 -20.85 -10.14 4.00
N SER A 152 -21.51 -10.98 4.78
CA SER A 152 -22.68 -10.58 5.51
C SER A 152 -22.55 -11.03 6.97
N TRP A 153 -22.91 -10.14 7.88
CA TRP A 153 -22.86 -10.46 9.31
C TRP A 153 -24.26 -10.65 9.86
N LYS A 154 -24.42 -11.68 10.68
CA LYS A 154 -25.71 -11.95 11.30
C LYS A 154 -25.56 -12.10 12.80
N ILE A 155 -26.40 -11.38 13.53
CA ILE A 155 -26.40 -11.43 14.99
C ILE A 155 -27.74 -12.07 15.38
N ASP A 156 -27.68 -13.33 15.84
CA ASP A 156 -28.87 -14.07 16.21
C ASP A 156 -29.81 -14.15 15.01
N GLY A 157 -29.26 -14.53 13.85
CA GLY A 157 -30.05 -14.65 12.65
C GLY A 157 -30.44 -13.39 11.91
N ALA A 158 -30.31 -12.23 12.54
CA ALA A 158 -30.67 -10.97 11.88
C ALA A 158 -29.41 -10.28 11.32
N GLU A 159 -29.50 -9.79 10.09
CA GLU A 159 -28.36 -9.13 9.48
C GLU A 159 -28.00 -7.77 10.09
N ARG A 160 -26.70 -7.47 10.10
CA ARG A 160 -26.16 -6.24 10.65
C ARG A 160 -25.24 -5.52 9.64
N SER A 161 -25.53 -4.27 9.32
CA SER A 161 -24.72 -3.52 8.35
C SER A 161 -23.83 -2.43 8.94
N SER A 162 -24.30 -1.81 10.02
CA SER A 162 -23.56 -0.74 10.69
C SER A 162 -22.49 -1.28 11.63
N GLY A 163 -21.34 -0.62 11.66
CA GLY A 163 -20.26 -1.04 12.53
C GLY A 163 -19.41 -2.15 11.94
N VAL A 164 -19.45 -2.29 10.63
CA VAL A 164 -18.67 -3.31 9.93
C VAL A 164 -17.49 -2.61 9.23
N LEU A 165 -16.28 -3.11 9.49
CA LEU A 165 -15.08 -2.54 8.90
C LEU A 165 -14.50 -3.57 7.91
N ASN A 166 -14.37 -3.17 6.65
CA ASN A 166 -13.88 -4.08 5.62
C ASN A 166 -12.55 -3.64 5.02
N SER A 167 -11.63 -4.60 4.86
CA SER A 167 -10.33 -4.32 4.30
C SER A 167 -9.92 -5.44 3.33
N TRP A 168 -9.23 -5.07 2.25
CA TRP A 168 -8.81 -6.02 1.20
C TRP A 168 -7.30 -5.92 0.89
N THR A 169 -6.65 -7.05 0.67
CA THR A 169 -5.23 -7.03 0.29
C THR A 169 -5.19 -6.95 -1.22
N ASP A 170 -4.01 -6.66 -1.78
CA ASP A 170 -3.85 -6.63 -3.23
C ASP A 170 -3.56 -8.07 -3.63
N GLN A 171 -3.48 -8.33 -4.93
CA GLN A 171 -3.25 -9.69 -5.37
C GLN A 171 -1.88 -10.18 -4.95
N ASP A 172 -1.84 -11.39 -4.41
CA ASP A 172 -0.58 -11.94 -3.92
C ASP A 172 0.38 -12.19 -5.08
N SER A 173 1.64 -11.79 -4.92
CA SER A 173 2.62 -11.95 -5.98
C SER A 173 3.16 -13.37 -6.15
N SER A 174 2.79 -14.28 -5.26
CA SER A 174 3.26 -15.66 -5.37
C SER A 174 2.17 -16.63 -5.78
N ASP A 175 1.02 -16.61 -5.10
CA ASP A 175 -0.06 -17.52 -5.46
C ASP A 175 -1.23 -16.86 -6.20
N SER A 176 -1.13 -15.57 -6.46
CA SER A 176 -2.16 -14.84 -7.20
C SER A 176 -3.56 -14.79 -6.57
N THR A 177 -3.67 -14.97 -5.25
CA THR A 177 -4.97 -14.93 -4.60
C THR A 177 -5.18 -13.59 -3.92
N TYR A 178 -6.37 -13.42 -3.35
CA TYR A 178 -6.79 -12.20 -2.66
C TYR A 178 -7.27 -12.63 -1.28
N SER A 179 -7.26 -11.70 -0.34
CA SER A 179 -7.73 -11.96 1.01
C SER A 179 -8.52 -10.74 1.47
N MET A 180 -9.40 -10.95 2.45
CA MET A 180 -10.21 -9.89 2.97
C MET A 180 -10.40 -10.05 4.47
N SER A 181 -10.56 -8.92 5.14
CA SER A 181 -10.77 -8.91 6.58
C SER A 181 -12.05 -8.13 6.83
N SER A 182 -12.93 -8.65 7.68
CA SER A 182 -14.19 -7.95 8.00
C SER A 182 -14.31 -7.99 9.54
N THR A 183 -14.50 -6.84 10.14
CA THR A 183 -14.59 -6.74 11.61
C THR A 183 -15.91 -6.13 12.06
N LEU A 184 -16.64 -6.84 12.92
CA LEU A 184 -17.91 -6.35 13.45
C LEU A 184 -17.57 -5.65 14.77
N THR A 185 -17.74 -4.34 14.81
CA THR A 185 -17.43 -3.58 16.02
C THR A 185 -18.65 -3.46 16.94
N LEU A 186 -18.52 -4.00 18.14
CA LEU A 186 -19.59 -3.96 19.14
C LEU A 186 -19.02 -3.52 20.48
N THR A 187 -19.89 -3.07 21.39
CA THR A 187 -19.44 -2.71 22.73
C THR A 187 -19.64 -4.01 23.50
N LYS A 188 -19.02 -4.13 24.67
CA LYS A 188 -19.18 -5.34 25.47
C LYS A 188 -20.65 -5.58 25.81
N ASP A 189 -21.35 -4.51 26.14
CA ASP A 189 -22.77 -4.62 26.48
C ASP A 189 -23.58 -5.16 25.31
N GLU A 190 -23.37 -4.63 24.10
CA GLU A 190 -24.10 -5.12 22.93
C GLU A 190 -23.77 -6.60 22.70
N TYR A 191 -22.50 -6.92 22.76
CA TYR A 191 -22.03 -8.28 22.54
C TYR A 191 -22.74 -9.28 23.45
N GLU A 192 -22.98 -8.87 24.69
CA GLU A 192 -23.62 -9.76 25.65
C GLU A 192 -25.13 -9.91 25.56
N ARG A 193 -25.80 -9.07 24.76
CA ARG A 193 -27.25 -9.17 24.60
C ARG A 193 -27.61 -10.29 23.62
N HIS A 194 -26.64 -10.74 22.85
CA HIS A 194 -26.87 -11.78 21.86
C HIS A 194 -25.98 -13.01 22.06
N SER A 195 -26.26 -14.09 21.34
CA SER A 195 -25.46 -15.30 21.52
C SER A 195 -24.83 -15.85 20.24
N SER A 196 -25.53 -15.77 19.13
CA SER A 196 -24.99 -16.32 17.89
C SER A 196 -24.40 -15.24 16.98
N TYR A 197 -23.17 -15.47 16.54
CA TYR A 197 -22.48 -14.53 15.65
C TYR A 197 -22.01 -15.29 14.44
N THR A 198 -22.41 -14.82 13.26
CA THR A 198 -22.00 -15.51 12.05
C THR A 198 -21.44 -14.60 10.97
N CYS A 199 -20.42 -15.13 10.31
CA CYS A 199 -19.74 -14.45 9.22
C CYS A 199 -20.15 -15.27 8.02
N GLU A 200 -20.91 -14.67 7.12
CA GLU A 200 -21.39 -15.37 5.94
C GLU A 200 -20.80 -14.78 4.67
N ALA A 201 -20.14 -15.62 3.88
CA ALA A 201 -19.52 -15.18 2.65
C ALA A 201 -20.08 -15.82 1.39
N THR A 202 -20.21 -14.99 0.35
CA THR A 202 -20.71 -15.44 -0.93
C THR A 202 -19.61 -15.26 -1.96
N HIS A 203 -19.24 -16.37 -2.61
CA HIS A 203 -18.19 -16.34 -3.59
C HIS A 203 -18.56 -17.24 -4.76
N LYS A 204 -17.96 -16.99 -5.91
CA LYS A 204 -18.27 -17.80 -7.07
C LYS A 204 -17.97 -19.30 -6.86
N THR A 205 -17.03 -19.62 -5.98
CA THR A 205 -16.66 -21.03 -5.76
C THR A 205 -17.70 -21.85 -5.00
N SER A 206 -18.80 -21.23 -4.59
CA SER A 206 -19.82 -21.97 -3.87
C SER A 206 -21.22 -21.48 -4.23
N THR A 207 -22.13 -22.41 -4.48
CA THR A 207 -23.50 -22.04 -4.81
C THR A 207 -24.22 -21.59 -3.55
N SER A 208 -23.79 -22.11 -2.41
CA SER A 208 -24.38 -21.76 -1.12
C SER A 208 -23.38 -20.91 -0.31
N PRO A 209 -23.89 -20.04 0.57
CA PRO A 209 -23.05 -19.17 1.39
C PRO A 209 -22.05 -19.95 2.25
N ILE A 210 -20.85 -19.39 2.43
CA ILE A 210 -19.84 -20.01 3.28
C ILE A 210 -20.16 -19.43 4.65
N THR A 211 -20.46 -20.29 5.61
CA THR A 211 -20.82 -19.83 6.93
C THR A 211 -19.86 -20.27 8.02
N LYS A 212 -19.58 -19.34 8.94
CA LYS A 212 -18.71 -19.61 10.07
C LYS A 212 -19.37 -18.85 11.20
N SER A 213 -19.60 -19.54 12.32
CA SER A 213 -20.23 -18.89 13.46
C SER A 213 -19.83 -19.52 14.78
N PHE A 214 -20.20 -18.84 15.86
CA PHE A 214 -19.92 -19.31 17.20
C PHE A 214 -21.00 -18.75 18.11
N ASN A 215 -21.11 -19.28 19.32
CA ASN A 215 -22.10 -18.78 20.28
C ASN A 215 -21.36 -18.19 21.47
N ARG A 216 -21.71 -16.96 21.83
CA ARG A 216 -21.08 -16.28 22.95
C ARG A 216 -21.08 -17.11 24.21
N GLY A 217 -22.21 -17.76 24.48
CA GLY A 217 -22.32 -18.58 25.67
C GLY A 217 -21.60 -19.91 25.60
N GLU A 218 -20.35 -19.90 25.14
CA GLU A 218 -19.56 -21.13 25.04
C GLU A 218 -18.06 -20.84 25.07
N GLU B 1 26.28 1.47 -4.88
CA GLU B 1 25.02 1.28 -4.08
C GLU B 1 24.20 2.58 -4.05
N VAL B 2 23.23 2.67 -4.94
CA VAL B 2 22.38 3.86 -5.04
C VAL B 2 21.17 3.87 -4.10
N THR B 3 20.91 5.04 -3.51
CA THR B 3 19.76 5.21 -2.63
C THR B 3 19.44 6.67 -2.30
N LEU B 4 18.16 6.86 -1.99
CA LEU B 4 17.61 8.14 -1.61
C LEU B 4 16.79 7.75 -0.39
N GLN B 5 16.89 8.53 0.67
CA GLN B 5 16.16 8.20 1.88
C GLN B 5 15.47 9.46 2.40
N GLU B 6 14.14 9.40 2.51
CA GLU B 6 13.39 10.55 3.00
C GLU B 6 13.26 10.45 4.51
N SER B 7 12.98 11.57 5.15
CA SER B 7 12.73 11.60 6.58
C SER B 7 12.02 12.91 6.86
N GLY B 8 11.36 13.01 8.03
CA GLY B 8 10.66 14.22 8.41
C GLY B 8 9.14 14.19 8.28
N GLY B 9 8.58 13.07 7.81
CA GLY B 9 7.14 13.01 7.66
C GLY B 9 6.40 12.83 8.97
N GLY B 10 5.12 12.53 8.88
CA GLY B 10 4.33 12.34 10.08
C GLY B 10 3.09 13.20 10.12
N LEU B 11 2.49 13.30 11.31
CA LEU B 11 1.28 14.08 11.53
C LEU B 11 1.63 15.56 11.70
N VAL B 12 0.87 16.42 11.04
CA VAL B 12 1.08 17.86 11.13
C VAL B 12 -0.26 18.58 11.14
N GLN B 13 -0.34 19.65 11.90
CA GLN B 13 -1.55 20.47 12.04
C GLN B 13 -1.94 21.26 10.76
N PRO B 14 -3.24 21.29 10.40
CA PRO B 14 -3.60 22.05 9.20
C PRO B 14 -3.15 23.49 9.43
N GLY B 15 -2.57 24.12 8.42
CA GLY B 15 -2.10 25.48 8.59
C GLY B 15 -0.68 25.49 9.16
N GLY B 16 -0.19 24.32 9.54
CA GLY B 16 1.15 24.24 10.10
C GLY B 16 2.28 24.15 9.08
N SER B 17 3.48 23.84 9.58
CA SER B 17 4.67 23.73 8.76
C SER B 17 5.40 22.43 8.96
N MET B 18 6.12 22.00 7.93
CA MET B 18 6.87 20.76 8.01
C MET B 18 7.99 20.76 6.98
N LYS B 19 9.15 20.22 7.34
CA LYS B 19 10.26 20.18 6.41
C LYS B 19 10.66 18.72 6.15
N LEU B 20 10.65 18.31 4.89
CA LEU B 20 11.07 16.96 4.54
C LEU B 20 12.53 17.03 4.07
N SER B 21 13.28 15.97 4.36
CA SER B 21 14.68 15.87 3.92
C SER B 21 14.82 14.62 3.07
N CYS B 22 15.83 14.65 2.19
N CYS B 22 15.83 14.60 2.21
CA CYS B 22 16.14 13.53 1.31
CA CYS B 22 16.11 13.46 1.33
C CYS B 22 17.66 13.44 1.21
C CYS B 22 17.62 13.40 1.18
N ALA B 23 18.22 12.33 1.69
CA ALA B 23 19.67 12.15 1.65
C ALA B 23 20.05 11.17 0.55
N ALA B 24 21.01 11.57 -0.27
CA ALA B 24 21.43 10.74 -1.39
C ALA B 24 22.83 10.15 -1.24
N SER B 25 23.07 9.03 -1.90
CA SER B 25 24.39 8.40 -1.89
C SER B 25 24.41 7.35 -2.98
N GLY B 26 25.60 7.02 -3.46
CA GLY B 26 25.72 6.00 -4.48
C GLY B 26 25.75 6.52 -5.90
N PHE B 27 25.54 7.83 -6.09
CA PHE B 27 25.58 8.39 -7.43
C PHE B 27 26.04 9.82 -7.34
N THR B 28 26.33 10.42 -8.48
CA THR B 28 26.82 11.79 -8.51
C THR B 28 25.69 12.81 -8.24
N PHE B 29 25.40 13.02 -6.98
CA PHE B 29 24.34 13.94 -6.60
C PHE B 29 24.49 15.35 -7.19
N SER B 30 25.71 15.88 -7.17
CA SER B 30 25.95 17.24 -7.66
C SER B 30 25.54 17.49 -9.13
N ASP B 31 25.49 16.43 -9.94
CA ASP B 31 25.08 16.57 -11.35
C ASP B 31 23.57 16.36 -11.54
N ALA B 32 22.94 15.67 -10.60
CA ALA B 32 21.51 15.35 -10.71
C ALA B 32 20.52 16.48 -10.47
N TRP B 33 19.36 16.38 -11.10
CA TRP B 33 18.26 17.33 -10.88
C TRP B 33 17.43 16.47 -9.91
N VAL B 34 16.88 17.08 -8.88
CA VAL B 34 16.12 16.33 -7.87
C VAL B 34 14.67 16.78 -7.78
N ASP B 35 13.78 15.80 -7.67
CA ASP B 35 12.34 16.07 -7.64
C ASP B 35 11.62 15.40 -6.47
N TRP B 36 10.44 15.93 -6.16
CA TRP B 36 9.57 15.36 -5.14
C TRP B 36 8.28 15.02 -5.88
N VAL B 37 7.75 13.83 -5.63
CA VAL B 37 6.51 13.36 -6.24
C VAL B 37 5.65 12.86 -5.07
N ARG B 38 4.35 13.11 -5.09
CA ARG B 38 3.53 12.61 -4.00
C ARG B 38 2.44 11.71 -4.53
N GLN B 39 1.89 10.88 -3.66
CA GLN B 39 0.85 9.97 -4.06
C GLN B 39 -0.32 10.03 -3.10
N SER B 40 -1.53 10.11 -3.62
CA SER B 40 -2.72 10.13 -2.77
C SER B 40 -3.87 9.51 -3.55
N PRO B 41 -4.92 9.04 -2.84
CA PRO B 41 -6.05 8.44 -3.55
C PRO B 41 -6.76 9.55 -4.32
N GLY B 42 -7.14 9.27 -5.56
CA GLY B 42 -7.83 10.28 -6.34
C GLY B 42 -6.94 10.96 -7.36
N LYS B 43 -5.72 11.32 -6.97
CA LYS B 43 -4.80 11.95 -7.89
C LYS B 43 -3.77 10.95 -8.37
N GLY B 44 -3.50 9.94 -7.54
CA GLY B 44 -2.51 8.94 -7.90
C GLY B 44 -1.17 9.63 -7.76
N LEU B 45 -0.27 9.42 -8.71
CA LEU B 45 1.04 10.06 -8.64
C LEU B 45 0.93 11.51 -9.12
N GLU B 46 1.53 12.43 -8.37
CA GLU B 46 1.52 13.84 -8.71
C GLU B 46 2.89 14.50 -8.52
N TRP B 47 3.44 15.07 -9.59
CA TRP B 47 4.74 15.75 -9.49
C TRP B 47 4.53 16.99 -8.64
N VAL B 48 5.47 17.28 -7.75
CA VAL B 48 5.38 18.40 -6.83
C VAL B 48 6.36 19.56 -7.06
N ALA B 49 7.64 19.22 -7.15
CA ALA B 49 8.66 20.25 -7.29
C ALA B 49 9.98 19.69 -7.79
N GLU B 50 10.83 20.59 -8.26
CA GLU B 50 12.15 20.20 -8.74
C GLU B 50 13.19 21.30 -8.56
N ILE B 51 14.41 20.89 -8.25
CA ILE B 51 15.50 21.86 -8.18
C ILE B 51 16.62 21.30 -9.08
N ARG B 52 17.17 22.16 -9.94
CA ARG B 52 18.21 21.73 -10.86
C ARG B 52 19.59 21.80 -10.23
N ASN B 53 20.61 21.42 -10.98
CA ASN B 53 21.95 21.42 -10.43
C ASN B 53 22.56 22.80 -10.53
N LYS B 54 23.74 22.95 -9.93
CA LYS B 54 24.45 24.22 -9.91
C LYS B 54 24.72 24.76 -11.31
N ALA B 55 25.11 23.87 -12.23
CA ALA B 55 25.39 24.28 -13.60
C ALA B 55 24.17 24.93 -14.23
N ASN B 56 22.99 24.52 -13.78
CA ASN B 56 21.74 25.09 -14.31
C ASN B 56 21.11 26.11 -13.37
N ASN B 57 21.97 26.78 -12.61
CA ASN B 57 21.58 27.87 -11.71
C ASN B 57 20.67 27.45 -10.56
N HIS B 58 20.67 26.16 -10.18
CA HIS B 58 19.80 25.72 -9.09
C HIS B 58 18.35 26.18 -9.27
N ALA B 59 17.88 26.33 -10.51
CA ALA B 59 16.53 26.80 -10.71
C ALA B 59 15.51 25.83 -10.14
N THR B 60 14.40 26.39 -9.67
CA THR B 60 13.34 25.59 -9.08
C THR B 60 12.06 25.70 -9.91
N LYS B 61 11.29 24.63 -9.95
CA LYS B 61 10.01 24.64 -10.66
C LYS B 61 9.02 23.99 -9.68
N TYR B 62 7.78 24.47 -9.65
CA TYR B 62 6.77 23.91 -8.73
C TYR B 62 5.45 23.67 -9.44
N THR B 63 4.64 22.74 -8.94
CA THR B 63 3.33 22.53 -9.54
C THR B 63 2.47 23.67 -8.97
N GLU B 64 1.48 24.10 -9.74
CA GLU B 64 0.61 25.22 -9.36
C GLU B 64 0.04 25.19 -7.94
N SER B 65 -0.55 24.07 -7.54
CA SER B 65 -1.16 24.01 -6.23
C SER B 65 -0.24 24.17 -5.02
N VAL B 66 1.08 24.17 -5.21
CA VAL B 66 1.97 24.37 -4.07
C VAL B 66 2.83 25.62 -4.19
N LYS B 67 2.75 26.33 -5.32
CA LYS B 67 3.56 27.55 -5.48
C LYS B 67 3.26 28.55 -4.37
N GLY B 68 4.31 29.12 -3.80
CA GLY B 68 4.11 30.08 -2.73
C GLY B 68 4.00 29.46 -1.35
N ARG B 69 3.67 28.18 -1.28
CA ARG B 69 3.55 27.49 0.00
C ARG B 69 4.72 26.56 0.26
N PHE B 70 5.26 25.96 -0.80
CA PHE B 70 6.37 25.02 -0.67
C PHE B 70 7.66 25.64 -1.19
N THR B 71 8.79 25.22 -0.63
CA THR B 71 10.08 25.71 -1.07
C THR B 71 11.02 24.53 -1.15
N ILE B 72 11.64 24.32 -2.31
CA ILE B 72 12.59 23.21 -2.43
C ILE B 72 13.98 23.81 -2.43
N SER B 73 14.93 23.12 -1.81
CA SER B 73 16.30 23.61 -1.75
C SER B 73 17.24 22.41 -1.69
N ARG B 74 18.53 22.63 -1.91
CA ARG B 74 19.49 21.53 -1.84
C ARG B 74 20.80 21.98 -1.21
N ASP B 75 21.53 21.02 -0.66
CA ASP B 75 22.82 21.29 -0.07
C ASP B 75 23.74 20.23 -0.68
N ASP B 76 24.52 20.63 -1.69
CA ASP B 76 25.39 19.68 -2.35
C ASP B 76 26.50 19.12 -1.46
N SER B 77 26.90 19.88 -0.45
CA SER B 77 27.96 19.39 0.42
C SER B 77 27.44 18.27 1.33
N LYS B 78 26.13 18.21 1.54
CA LYS B 78 25.55 17.14 2.35
C LYS B 78 24.77 16.14 1.48
N SER B 79 24.84 16.32 0.17
CA SER B 79 24.13 15.44 -0.76
C SER B 79 22.67 15.28 -0.34
N SER B 80 22.00 16.41 -0.09
CA SER B 80 20.61 16.39 0.35
C SER B 80 19.78 17.44 -0.33
N VAL B 81 18.48 17.19 -0.34
CA VAL B 81 17.49 18.10 -0.91
C VAL B 81 16.41 18.21 0.16
N TYR B 82 15.81 19.39 0.28
CA TYR B 82 14.79 19.59 1.29
C TYR B 82 13.50 20.11 0.67
N LEU B 83 12.37 19.82 1.32
CA LEU B 83 11.10 20.35 0.85
C LEU B 83 10.44 20.94 2.09
N GLN B 84 10.42 22.27 2.11
CA GLN B 84 9.82 23.03 3.19
C GLN B 84 8.37 23.29 2.83
N MET B 85 7.45 22.76 3.62
CA MET B 85 6.02 22.93 3.36
C MET B 85 5.36 23.83 4.40
N ASN B 86 4.67 24.86 3.94
CA ASN B 86 3.98 25.82 4.82
C ASN B 86 2.49 25.84 4.51
N SER B 87 1.70 26.39 5.43
CA SER B 87 0.24 26.46 5.24
C SER B 87 -0.33 25.15 4.72
N LEU B 88 0.01 24.06 5.38
CA LEU B 88 -0.45 22.74 4.95
C LEU B 88 -1.97 22.61 4.98
N ARG B 89 -2.51 21.93 3.98
CA ARG B 89 -3.96 21.70 3.86
C ARG B 89 -4.20 20.20 3.86
N ALA B 90 -5.45 19.81 4.03
CA ALA B 90 -5.80 18.41 4.03
C ALA B 90 -5.42 17.77 2.70
N GLU B 91 -5.48 18.55 1.63
CA GLU B 91 -5.15 18.03 0.30
C GLU B 91 -3.66 17.67 0.13
N ASP B 92 -2.81 18.09 1.06
CA ASP B 92 -1.37 17.78 0.94
C ASP B 92 -1.03 16.43 1.58
N THR B 93 -2.04 15.78 2.17
CA THR B 93 -1.83 14.48 2.78
C THR B 93 -1.47 13.47 1.70
N GLY B 94 -0.50 12.60 2.00
CA GLY B 94 -0.09 11.59 1.04
C GLY B 94 1.30 11.09 1.34
N ILE B 95 1.82 10.21 0.48
CA ILE B 95 3.16 9.67 0.61
C ILE B 95 4.03 10.57 -0.26
N TYR B 96 5.15 11.05 0.26
CA TYR B 96 6.05 11.90 -0.51
C TYR B 96 7.29 11.14 -0.85
N TYR B 97 7.66 11.13 -2.12
CA TYR B 97 8.86 10.44 -2.58
C TYR B 97 9.85 11.41 -3.18
N CYS B 98 11.12 11.12 -2.94
N CYS B 98 11.13 11.23 -2.90
CA CYS B 98 12.23 11.89 -3.46
CA CYS B 98 12.09 12.09 -3.59
C CYS B 98 12.71 11.07 -4.66
C CYS B 98 12.67 11.17 -4.62
N THR B 99 12.90 11.71 -5.81
CA THR B 99 13.43 10.94 -6.92
C THR B 99 14.41 11.84 -7.68
N SER B 100 15.28 11.26 -8.50
CA SER B 100 16.24 12.09 -9.21
C SER B 100 16.50 11.64 -10.64
N VAL B 101 16.90 12.61 -11.45
CA VAL B 101 17.26 12.41 -12.84
C VAL B 101 18.78 12.59 -12.72
N PRO B 102 19.52 11.47 -12.67
CA PRO B 102 20.98 11.54 -12.53
C PRO B 102 21.73 12.13 -13.71
N GLN B 103 21.21 11.95 -14.91
CA GLN B 103 21.87 12.46 -16.09
C GLN B 103 20.82 12.67 -17.18
N LEU B 104 21.15 13.52 -18.15
CA LEU B 104 20.24 13.83 -19.25
C LEU B 104 19.52 12.63 -19.85
N GLY B 105 18.21 12.75 -20.00
CA GLY B 105 17.39 11.72 -20.62
C GLY B 105 17.19 10.42 -19.88
N ARG B 106 17.66 10.34 -18.64
CA ARG B 106 17.55 9.12 -17.84
C ARG B 106 16.21 8.91 -17.13
N GLY B 107 15.39 9.94 -17.06
CA GLY B 107 14.12 9.81 -16.37
C GLY B 107 14.31 9.77 -14.86
N PHE B 108 13.24 9.50 -14.13
CA PHE B 108 13.31 9.42 -12.67
C PHE B 108 13.89 8.03 -12.38
N ALA B 109 15.21 7.93 -12.43
CA ALA B 109 15.90 6.64 -12.25
C ALA B 109 15.96 6.06 -10.87
N TYR B 110 16.06 6.92 -9.86
CA TYR B 110 16.14 6.45 -8.48
C TYR B 110 15.02 7.06 -7.63
N TRP B 111 14.40 6.23 -6.80
CA TRP B 111 13.33 6.70 -5.92
C TRP B 111 13.62 6.31 -4.48
N GLY B 112 13.16 7.15 -3.56
CA GLY B 112 13.33 6.88 -2.14
C GLY B 112 12.22 5.90 -1.74
N GLN B 113 12.07 5.64 -0.44
CA GLN B 113 11.06 4.70 0.01
C GLN B 113 9.71 5.35 0.30
N GLY B 114 9.69 6.68 0.38
CA GLY B 114 8.46 7.39 0.64
C GLY B 114 8.27 7.71 2.13
N THR B 115 7.62 8.84 2.44
CA THR B 115 7.37 9.17 3.84
C THR B 115 5.95 9.69 3.88
N LEU B 116 5.16 9.20 4.83
CA LEU B 116 3.76 9.59 4.92
C LEU B 116 3.53 10.89 5.68
N VAL B 117 2.82 11.80 5.03
CA VAL B 117 2.48 13.08 5.64
C VAL B 117 0.95 13.09 5.84
N THR B 118 0.52 13.27 7.08
CA THR B 118 -0.91 13.30 7.41
C THR B 118 -1.24 14.67 7.95
N VAL B 119 -2.06 15.42 7.25
CA VAL B 119 -2.41 16.75 7.72
C VAL B 119 -3.75 16.62 8.42
N SER B 120 -3.77 16.76 9.73
CA SER B 120 -5.01 16.60 10.50
C SER B 120 -4.86 17.21 11.88
N ALA B 121 -5.96 17.70 12.44
CA ALA B 121 -5.91 18.27 13.78
C ALA B 121 -6.06 17.21 14.88
N ALA B 122 -6.32 15.94 14.51
CA ALA B 122 -6.45 14.88 15.51
C ALA B 122 -5.10 14.66 16.22
N SER B 123 -5.08 13.98 17.37
CA SER B 123 -3.81 13.79 18.07
C SER B 123 -3.23 12.36 18.03
N THR B 124 -1.92 12.26 18.24
CA THR B 124 -1.22 10.98 18.23
C THR B 124 -1.76 10.11 19.36
N THR B 125 -2.10 8.86 19.05
CA THR B 125 -2.66 7.94 20.05
C THR B 125 -2.07 6.57 19.85
N PRO B 126 -1.61 5.92 20.93
CA PRO B 126 -1.03 4.58 20.77
C PRO B 126 -2.10 3.51 20.54
N PRO B 127 -1.71 2.38 19.95
CA PRO B 127 -2.64 1.28 19.70
C PRO B 127 -2.79 0.36 20.90
N SER B 128 -3.86 -0.42 20.89
CA SER B 128 -4.09 -1.48 21.88
C SER B 128 -3.97 -2.71 20.97
N VAL B 129 -3.33 -3.77 21.45
CA VAL B 129 -3.12 -4.97 20.63
C VAL B 129 -3.78 -6.20 21.24
N TYR B 130 -4.64 -6.89 20.49
CA TYR B 130 -5.36 -8.05 21.00
C TYR B 130 -5.10 -9.32 20.19
N PRO B 131 -4.66 -10.41 20.86
CA PRO B 131 -4.41 -11.65 20.13
C PRO B 131 -5.72 -12.31 19.72
N LEU B 132 -5.74 -12.91 18.55
CA LEU B 132 -6.95 -13.58 18.09
C LEU B 132 -6.62 -15.05 17.93
N ALA B 133 -7.15 -15.89 18.82
CA ALA B 133 -6.89 -17.33 18.73
C ALA B 133 -8.16 -18.09 18.38
N PRO B 134 -8.00 -19.24 17.70
CA PRO B 134 -9.12 -20.09 17.28
C PRO B 134 -10.03 -20.42 18.44
N GLY B 135 -11.24 -20.87 18.12
CA GLY B 135 -12.18 -21.24 19.14
C GLY B 135 -12.00 -22.71 19.50
N SER B 136 -12.34 -23.59 18.55
CA SER B 136 -12.23 -25.04 18.73
C SER B 136 -10.82 -25.60 18.69
N GLY B 137 -10.73 -26.92 18.46
CA GLY B 137 -9.44 -27.59 18.39
C GLY B 137 -9.01 -27.79 16.94
N GLY B 138 -7.72 -27.62 16.68
CA GLY B 138 -7.20 -27.77 15.33
C GLY B 138 -7.34 -29.19 14.81
N ALA B 139 -7.69 -29.31 13.54
CA ALA B 139 -7.87 -30.60 12.86
C ALA B 139 -9.24 -31.20 13.14
N GLY B 143 -7.90 -28.20 9.36
CA GLY B 143 -7.30 -29.15 10.29
C GLY B 143 -5.78 -29.22 10.19
N SER B 144 -5.28 -29.27 8.96
CA SER B 144 -3.85 -29.34 8.72
C SER B 144 -3.14 -28.03 9.06
N MET B 145 -3.82 -26.91 8.83
CA MET B 145 -3.27 -25.58 9.08
C MET B 145 -4.17 -24.85 10.05
N VAL B 146 -3.61 -23.87 10.77
CA VAL B 146 -4.39 -23.09 11.71
C VAL B 146 -4.15 -21.62 11.42
N THR B 147 -5.20 -20.82 11.51
CA THR B 147 -5.06 -19.39 11.27
C THR B 147 -5.22 -18.61 12.58
N LEU B 148 -4.22 -17.77 12.87
CA LEU B 148 -4.20 -16.95 14.07
C LEU B 148 -4.27 -15.49 13.62
N GLY B 149 -4.61 -14.61 14.53
CA GLY B 149 -4.66 -13.21 14.15
C GLY B 149 -4.26 -12.25 15.24
N CYS B 150 -4.13 -10.99 14.84
N CYS B 150 -4.11 -10.99 14.86
CA CYS B 150 -3.76 -9.90 15.72
CA CYS B 150 -3.80 -9.92 15.81
C CYS B 150 -4.61 -8.68 15.37
C CYS B 150 -4.58 -8.69 15.40
N LEU B 151 -5.34 -8.16 16.35
CA LEU B 151 -6.17 -6.97 16.14
C LEU B 151 -5.44 -5.78 16.75
N VAL B 152 -5.15 -4.77 15.92
CA VAL B 152 -4.43 -3.58 16.37
C VAL B 152 -5.39 -2.40 16.27
N LYS B 153 -5.86 -1.87 17.40
CA LYS B 153 -6.82 -0.79 17.27
C LYS B 153 -6.68 0.44 18.15
N GLY B 154 -7.33 1.51 17.71
CA GLY B 154 -7.33 2.74 18.44
C GLY B 154 -6.12 3.63 18.27
N TYR B 155 -5.35 3.44 17.19
CA TYR B 155 -4.17 4.28 17.03
C TYR B 155 -4.34 5.38 15.98
N PHE B 156 -3.43 6.35 16.01
CA PHE B 156 -3.42 7.47 15.07
C PHE B 156 -2.07 8.17 15.24
N PRO B 157 -1.41 8.54 14.13
CA PRO B 157 -1.79 8.38 12.73
C PRO B 157 -1.18 7.07 12.25
N GLU B 158 -1.27 6.82 10.96
CA GLU B 158 -0.64 5.67 10.35
C GLU B 158 0.83 6.06 10.27
N PRO B 159 1.74 5.10 10.11
CA PRO B 159 1.48 3.66 10.00
C PRO B 159 1.94 2.88 11.24
N VAL B 160 1.63 1.59 11.26
CA VAL B 160 2.14 0.71 12.32
C VAL B 160 2.79 -0.39 11.52
N THR B 161 3.75 -1.08 12.14
CA THR B 161 4.38 -2.20 11.45
C THR B 161 4.04 -3.38 12.35
N VAL B 162 3.61 -4.46 11.72
CA VAL B 162 3.25 -5.69 12.43
C VAL B 162 4.11 -6.81 11.87
N THR B 163 4.75 -7.57 12.75
CA THR B 163 5.55 -8.70 12.32
C THR B 163 5.14 -9.89 13.19
N TRP B 164 5.53 -11.08 12.79
CA TRP B 164 5.18 -12.27 13.55
C TRP B 164 6.45 -12.97 13.94
N ASN B 165 6.62 -13.23 15.23
CA ASN B 165 7.85 -13.86 15.75
C ASN B 165 9.06 -13.05 15.28
N SER B 166 8.99 -11.74 15.50
CA SER B 166 10.06 -10.83 15.11
C SER B 166 10.49 -10.96 13.65
N GLY B 167 9.60 -11.42 12.79
CA GLY B 167 9.93 -11.55 11.39
C GLY B 167 10.24 -12.97 10.93
N ALA B 168 10.41 -13.90 11.87
CA ALA B 168 10.72 -15.27 11.50
C ALA B 168 9.55 -15.94 10.73
N LEU B 169 8.33 -15.45 10.94
CA LEU B 169 7.18 -15.99 10.23
C LEU B 169 6.72 -14.95 9.22
N SER B 170 6.79 -15.29 7.93
CA SER B 170 6.36 -14.35 6.90
C SER B 170 5.56 -14.90 5.72
N SER B 171 5.76 -16.17 5.37
CA SER B 171 5.05 -16.73 4.23
C SER B 171 3.52 -16.79 4.31
N GLY B 172 2.98 -17.26 5.44
CA GLY B 172 1.53 -17.34 5.55
C GLY B 172 0.91 -16.12 6.21
N VAL B 173 1.53 -14.97 6.03
CA VAL B 173 1.07 -13.74 6.65
C VAL B 173 0.31 -12.77 5.75
N HIS B 174 -0.82 -12.25 6.24
CA HIS B 174 -1.59 -11.23 5.52
C HIS B 174 -1.83 -10.06 6.48
N THR B 175 -1.28 -8.89 6.17
CA THR B 175 -1.54 -7.73 7.02
C THR B 175 -2.45 -6.85 6.17
N PHE B 176 -3.65 -6.62 6.68
CA PHE B 176 -4.64 -5.85 5.94
C PHE B 176 -4.55 -4.33 6.13
N PRO B 177 -4.97 -3.57 5.11
CA PRO B 177 -4.94 -2.11 5.23
C PRO B 177 -5.79 -1.70 6.43
N ALA B 178 -5.39 -0.66 7.13
CA ALA B 178 -6.15 -0.17 8.29
C ALA B 178 -7.45 0.53 7.87
N VAL B 179 -8.45 0.50 8.74
CA VAL B 179 -9.73 1.15 8.47
C VAL B 179 -9.93 2.21 9.53
N LEU B 180 -10.38 3.38 9.12
CA LEU B 180 -10.59 4.49 10.04
C LEU B 180 -12.05 4.84 10.28
N GLN B 181 -12.40 4.95 11.58
CA GLN B 181 -13.74 5.39 11.97
C GLN B 181 -13.60 6.04 13.36
N SER B 182 -14.69 6.22 14.10
CA SER B 182 -14.60 6.92 15.38
C SER B 182 -13.65 6.34 16.43
N ASP B 183 -13.30 5.06 16.35
CA ASP B 183 -12.35 4.52 17.33
C ASP B 183 -10.95 4.69 16.80
N LEU B 184 -10.83 5.54 15.78
CA LEU B 184 -9.56 5.83 15.10
C LEU B 184 -9.21 4.65 14.17
N TYR B 185 -7.93 4.36 13.97
CA TYR B 185 -7.55 3.27 13.06
C TYR B 185 -7.66 1.87 13.67
N THR B 186 -8.14 0.93 12.87
CA THR B 186 -8.23 -0.47 13.29
C THR B 186 -7.61 -1.29 12.17
N LEU B 187 -6.61 -2.10 12.52
CA LEU B 187 -5.93 -2.94 11.55
C LEU B 187 -5.85 -4.37 12.06
N SER B 188 -5.90 -5.33 11.14
CA SER B 188 -5.81 -6.72 11.55
C SER B 188 -4.74 -7.41 10.72
N SER B 189 -4.16 -8.47 11.28
CA SER B 189 -3.14 -9.23 10.57
C SER B 189 -3.36 -10.68 10.89
N SER B 190 -3.25 -11.54 9.88
CA SER B 190 -3.43 -12.96 10.16
C SER B 190 -2.17 -13.72 9.75
N VAL B 191 -1.98 -14.88 10.34
CA VAL B 191 -0.85 -15.72 9.98
C VAL B 191 -1.41 -17.12 10.01
N THR B 192 -1.02 -17.92 9.01
CA THR B 192 -1.49 -19.28 8.92
C THR B 192 -0.27 -20.16 9.04
N VAL B 193 -0.29 -21.09 9.98
CA VAL B 193 0.84 -21.98 10.20
C VAL B 193 0.37 -23.44 10.33
N PRO B 194 1.31 -24.40 10.23
CA PRO B 194 0.91 -25.80 10.35
C PRO B 194 0.33 -26.01 11.75
N SER B 195 -0.63 -26.92 11.89
CA SER B 195 -1.21 -27.20 13.20
C SER B 195 -0.17 -27.86 14.10
N SER B 196 0.93 -28.30 13.50
CA SER B 196 2.00 -28.94 14.25
C SER B 196 2.99 -27.89 14.77
N THR B 197 2.73 -26.62 14.45
CA THR B 197 3.57 -25.52 14.91
C THR B 197 2.94 -24.82 16.11
N TRP B 198 1.63 -24.60 16.04
CA TRP B 198 0.91 -23.93 17.13
C TRP B 198 -0.16 -24.90 17.67
N PRO B 199 -0.40 -24.90 18.98
CA PRO B 199 0.20 -24.10 20.06
C PRO B 199 1.48 -24.67 20.68
N SER B 200 2.05 -25.72 20.08
CA SER B 200 3.27 -26.27 20.63
C SER B 200 4.33 -25.17 20.72
N GLN B 201 4.50 -24.42 19.64
CA GLN B 201 5.48 -23.35 19.65
C GLN B 201 4.86 -21.99 19.90
N THR B 202 5.68 -21.09 20.42
CA THR B 202 5.22 -19.74 20.73
C THR B 202 5.01 -18.92 19.47
N VAL B 203 3.85 -18.31 19.34
CA VAL B 203 3.57 -17.45 18.19
C VAL B 203 3.23 -16.09 18.80
N THR B 204 4.01 -15.09 18.41
CA THR B 204 3.86 -13.75 18.95
C THR B 204 3.71 -12.70 17.88
N CYS B 205 2.77 -11.78 18.11
N CYS B 205 2.76 -11.78 18.02
CA CYS B 205 2.50 -10.66 17.23
CA CYS B 205 2.69 -10.76 17.00
C CYS B 205 3.32 -9.47 17.73
C CYS B 205 3.29 -9.52 17.63
N ASN B 206 4.18 -8.88 16.89
CA ASN B 206 4.93 -7.71 17.33
C ASN B 206 4.43 -6.46 16.63
N VAL B 207 4.02 -5.47 17.42
CA VAL B 207 3.50 -4.24 16.85
C VAL B 207 4.32 -3.03 17.26
N ALA B 208 4.63 -2.17 16.31
CA ALA B 208 5.36 -0.94 16.58
C ALA B 208 4.58 0.21 15.94
N HIS B 209 4.44 1.31 16.69
CA HIS B 209 3.75 2.50 16.21
C HIS B 209 4.79 3.62 16.37
N PRO B 210 5.53 3.93 15.31
CA PRO B 210 6.55 4.98 15.36
C PRO B 210 6.09 6.33 15.90
N ALA B 211 4.94 6.80 15.45
CA ALA B 211 4.47 8.11 15.89
C ALA B 211 4.40 8.27 17.41
N SER B 212 4.02 7.22 18.13
CA SER B 212 3.90 7.31 19.59
C SER B 212 5.01 6.60 20.35
N SER B 213 5.94 5.98 19.61
CA SER B 213 7.04 5.23 20.19
C SER B 213 6.54 4.04 21.00
N THR B 214 5.41 3.49 20.58
CA THR B 214 4.85 2.33 21.26
C THR B 214 5.34 1.04 20.61
N GLN B 215 5.60 0.05 21.44
CA GLN B 215 6.02 -1.27 20.98
C GLN B 215 5.32 -2.26 21.89
N VAL B 216 4.65 -3.22 21.27
CA VAL B 216 3.92 -4.26 21.99
C VAL B 216 4.16 -5.64 21.38
N ASP B 217 4.40 -6.63 22.23
CA ASP B 217 4.55 -8.01 21.79
C ASP B 217 3.49 -8.76 22.59
N LYS B 218 2.56 -9.39 21.89
CA LYS B 218 1.48 -10.15 22.51
C LYS B 218 1.54 -11.59 21.99
N LYS B 219 1.48 -12.56 22.91
CA LYS B 219 1.54 -13.97 22.53
C LYS B 219 0.15 -14.50 22.21
N ILE B 220 0.05 -15.39 21.23
CA ILE B 220 -1.26 -15.95 20.88
C ILE B 220 -1.45 -17.22 21.71
N VAL B 221 -2.41 -17.19 22.64
CA VAL B 221 -2.66 -18.35 23.48
C VAL B 221 -3.99 -19.02 23.18
N PRO B 222 -4.02 -20.36 23.27
CA PRO B 222 -5.23 -21.14 23.01
C PRO B 222 -6.29 -20.69 24.00
N LYS B 223 -7.52 -20.47 23.53
CA LYS B 223 -8.57 -20.05 24.46
C LYS B 223 -9.44 -21.26 24.83
C1 RBE C . 13.68 16.86 -19.13
C2 RBE C . 15.09 16.49 -18.52
C3 RBE C . 15.78 17.83 -18.14
C4 RBE C . 15.74 18.82 -19.28
C5 RBE C . 14.27 18.96 -19.77
C6 RBE C . 13.24 19.21 -18.65
C7 RBE C . 12.82 17.76 -18.22
C8 RBE C . 17.43 16.84 -16.61
C9 RBE C . 18.92 16.75 -16.39
C10 RBE C . 19.83 17.41 -17.23
C11 RBE C . 21.21 17.31 -16.99
C12 RBE C . 21.68 16.55 -15.93
C13 RBE C . 20.80 15.89 -15.11
C14 RBE C . 19.40 15.98 -15.32
C15 RBE C . 15.90 15.59 -19.49
N1 RBE C . 13.90 17.67 -20.36
O1 RBE C . 17.14 17.61 -17.67
O2 RBE C . 16.61 16.29 -15.94
O3 RBE C . 16.40 14.53 -19.25
O4 RBE C . 16.05 16.18 -20.67
#